data_7P5D
#
_entry.id   7P5D
#
_cell.length_a   129.183
_cell.length_b   129.183
_cell.length_c   129.183
_cell.angle_alpha   90.000
_cell.angle_beta   90.000
_cell.angle_gamma   90.000
#
_symmetry.space_group_name_H-M   'I 21 3'
#
loop_
_entity.id
_entity.type
_entity.pdbx_description
1 polymer 'Variant surface glycoprotein'
2 branched alpha-D-mannopyranose-(1-2)-alpha-D-mannopyranose-(1-3)-[alpha-D-mannopyranose-(1-6)]beta-D-mannopyranose-(1-4)-2-acetamido-2-deoxy-beta-D-glucopyranose-(1-4)-2-acetamido-2-deoxy-beta-D-glucopyranose
3 water water
#
_entity_poly.entity_id   1
_entity_poly.type   'polypeptide(L)'
_entity_poly.pdbx_seq_one_letter_code
;MQAAALLLLVLRAITSIEAAADDVNPDDNKEDFAVLCALAALANLQTTVPSIDTSGLAAYDNLQQLNLSLSSKEWKSLFN
KAADSNGSPKQPPEGFQSDPTWRKQWPIWVTAAAALKAENKEAAVLARAGLTNAPEELRNRARLALIPLLAQAEQIRDRL
SEIQKQNEDTTPTAIAKALNKAVYGQDKETGAVYNSADCFSGNVADSTQNSCKAGNQASKATTVAATIVCVCHKKNGGND
AANACGRLINHQSDAGANLATASSDFGDIIATCAARPPKPLTAAYLDSALAAVSARIRFKNGNGYLGKFKATGCTGAAAE
GLCVEYTALTAATMQNFYKIPWVKEISNVAEALKRTEKDAAESTLLSTWLKASENQGNSVAQKLIKVGDSKAVPPAQRQT
QNKPGSNCNKNLKKSECKDSDGCKWNRTEETEGDFCKPKETGTENPAAGTGEGAAGANTETKKCSDKKTEGDCKDGCKWD
GKECKDSSILATKKFALTVVSAAFVALLF
;
_entity_poly.pdbx_strand_id   A
#
# COMPACT_ATOMS: atom_id res chain seq x y z
N ALA A 20 -21.47 41.60 3.28
CA ALA A 20 -21.43 40.32 2.57
C ALA A 20 -20.50 39.32 3.26
N ALA A 21 -20.41 39.42 4.58
CA ALA A 21 -19.55 38.51 5.33
C ALA A 21 -20.00 37.07 5.15
N ASP A 22 -21.29 36.84 4.87
CA ASP A 22 -21.82 35.49 4.75
C ASP A 22 -21.72 34.95 3.33
N ASP A 23 -21.36 35.79 2.36
CA ASP A 23 -21.03 35.32 1.03
C ASP A 23 -19.65 34.67 1.03
N VAL A 24 -19.32 33.99 -0.05
CA VAL A 24 -17.99 33.39 -0.19
C VAL A 24 -17.04 34.48 -0.69
N ASN A 25 -16.13 34.90 0.16
CA ASN A 25 -15.14 35.93 -0.11
C ASN A 25 -13.75 35.35 -0.25
N PRO A 26 -12.81 36.13 -0.79
CA PRO A 26 -11.44 35.62 -0.91
C PRO A 26 -10.92 35.15 0.43
N ASP A 27 -10.25 34.00 0.41
CA ASP A 27 -9.64 33.32 1.56
C ASP A 27 -10.65 32.59 2.44
N ASP A 28 -11.96 32.66 2.14
CA ASP A 28 -12.93 32.02 3.03
C ASP A 28 -12.79 30.50 3.05
N ASN A 29 -12.27 29.90 1.97
CA ASN A 29 -12.02 28.46 1.94
C ASN A 29 -10.53 28.11 2.06
N LYS A 30 -9.71 29.02 2.58
CA LYS A 30 -8.27 28.80 2.60
C LYS A 30 -7.88 27.64 3.51
N GLU A 31 -8.55 27.49 4.65
CA GLU A 31 -8.17 26.40 5.55
C GLU A 31 -8.64 25.05 4.98
N ASP A 32 -9.81 25.01 4.35
CA ASP A 32 -10.17 23.77 3.66
C ASP A 32 -9.15 23.45 2.58
N PHE A 33 -8.68 24.48 1.87
CA PHE A 33 -7.74 24.23 0.78
C PHE A 33 -6.44 23.65 1.28
N ALA A 34 -5.97 24.06 2.45
CA ALA A 34 -4.71 23.52 2.96
C ALA A 34 -4.83 22.00 3.15
N VAL A 35 -5.98 21.55 3.67
CA VAL A 35 -6.19 20.11 3.83
C VAL A 35 -6.29 19.43 2.46
N LEU A 36 -6.99 20.04 1.52
CA LEU A 36 -7.13 19.42 0.21
C LEU A 36 -5.81 19.40 -0.56
N CYS A 37 -4.97 20.41 -0.33
CA CYS A 37 -3.64 20.43 -0.94
C CYS A 37 -2.79 19.28 -0.42
N ALA A 38 -2.83 19.01 0.88
CA ALA A 38 -2.12 17.85 1.43
C ALA A 38 -2.59 16.57 0.76
N LEU A 39 -3.90 16.43 0.52
CA LEU A 39 -4.42 15.23 -0.14
C LEU A 39 -4.01 15.18 -1.60
N ALA A 40 -4.05 16.33 -2.29
CA ALA A 40 -3.69 16.33 -3.70
C ALA A 40 -2.24 15.96 -3.92
N ALA A 41 -1.36 16.23 -2.95
CA ALA A 41 0.05 15.88 -3.05
C ALA A 41 0.28 14.38 -2.98
N LEU A 42 -0.76 13.57 -2.82
CA LEU A 42 -0.63 12.13 -2.94
C LEU A 42 -0.64 11.67 -4.40
N ALA A 43 -0.91 12.56 -5.34
CA ALA A 43 -0.86 12.20 -6.75
C ALA A 43 0.58 11.94 -7.20
N ASN A 44 0.73 11.00 -8.13
CA ASN A 44 2.02 10.69 -8.74
C ASN A 44 3.11 10.50 -7.69
N LEU A 45 2.78 9.75 -6.65
CA LEU A 45 3.65 9.62 -5.50
C LEU A 45 4.70 8.56 -5.75
N GLN A 46 5.92 8.83 -5.31
CA GLN A 46 7.03 7.88 -5.36
C GLN A 46 7.49 7.71 -3.91
N THR A 47 6.97 6.67 -3.26
CA THR A 47 7.29 6.37 -1.87
C THR A 47 7.88 4.97 -1.78
N THR A 48 8.73 4.76 -0.78
CA THR A 48 9.10 3.41 -0.42
C THR A 48 8.02 2.89 0.51
N VAL A 49 7.85 1.56 0.52
CA VAL A 49 6.90 0.91 1.40
C VAL A 49 7.71 0.08 2.39
N PRO A 50 7.22 -0.12 3.61
CA PRO A 50 7.90 -1.06 4.52
C PRO A 50 7.99 -2.43 3.85
N SER A 51 9.20 -2.97 3.80
CA SER A 51 9.46 -4.20 3.08
C SER A 51 9.49 -5.37 4.04
N ILE A 52 8.89 -6.48 3.62
CA ILE A 52 9.09 -7.74 4.31
C ILE A 52 10.54 -8.16 4.12
N ASP A 53 11.26 -8.34 5.22
CA ASP A 53 12.64 -8.84 5.21
C ASP A 53 12.58 -10.34 4.97
N THR A 54 12.89 -10.76 3.74
CA THR A 54 12.79 -12.17 3.39
C THR A 54 14.12 -12.90 3.46
N SER A 55 15.16 -12.28 4.04
CA SER A 55 16.46 -12.94 4.14
C SER A 55 16.38 -14.23 4.95
N GLY A 56 15.40 -14.34 5.84
CA GLY A 56 15.20 -15.57 6.57
C GLY A 56 14.79 -16.73 5.69
N LEU A 57 14.08 -16.45 4.60
CA LEU A 57 13.73 -17.53 3.69
C LEU A 57 14.96 -18.15 3.06
N ALA A 58 15.96 -17.34 2.73
CA ALA A 58 17.22 -17.86 2.20
C ALA A 58 17.98 -18.63 3.26
N ALA A 59 18.00 -18.13 4.51
CA ALA A 59 18.64 -18.86 5.59
C ALA A 59 18.04 -20.25 5.75
N TYR A 60 16.71 -20.35 5.68
CA TYR A 60 16.04 -21.64 5.80
C TYR A 60 16.35 -22.54 4.61
N ASP A 61 16.37 -21.97 3.40
N ASP A 61 16.38 -21.98 3.39
CA ASP A 61 16.78 -22.76 2.24
CA ASP A 61 16.79 -22.74 2.22
C ASP A 61 18.17 -23.33 2.42
C ASP A 61 18.18 -23.32 2.42
N ASN A 62 19.09 -22.55 3.01
CA ASN A 62 20.44 -23.05 3.25
C ASN A 62 20.42 -24.22 4.22
N LEU A 63 19.57 -24.16 5.25
CA LEU A 63 19.41 -25.28 6.18
C LEU A 63 18.83 -26.50 5.46
N GLN A 64 17.85 -26.28 4.58
CA GLN A 64 17.28 -27.37 3.81
C GLN A 64 18.35 -28.00 2.91
N GLN A 65 19.23 -27.18 2.34
CA GLN A 65 20.32 -27.71 1.53
C GLN A 65 21.32 -28.50 2.35
N LEU A 66 21.65 -28.04 3.55
CA LEU A 66 22.54 -28.82 4.40
C LEU A 66 21.91 -30.16 4.74
N ASN A 67 20.63 -30.12 5.14
CA ASN A 67 19.91 -31.34 5.48
C ASN A 67 19.93 -32.33 4.32
N LEU A 68 19.65 -31.84 3.11
CA LEU A 68 19.61 -32.74 1.97
C LEU A 68 20.99 -33.29 1.65
N SER A 69 22.01 -32.44 1.73
CA SER A 69 23.38 -32.91 1.47
C SER A 69 23.74 -34.09 2.35
N LEU A 70 23.36 -34.04 3.61
CA LEU A 70 23.70 -35.07 4.58
C LEU A 70 22.78 -36.28 4.51
N SER A 71 21.83 -36.30 3.57
CA SER A 71 20.87 -37.39 3.53
C SER A 71 21.41 -38.59 2.76
N SER A 72 20.69 -39.71 2.86
CA SER A 72 21.11 -40.96 2.23
C SER A 72 20.97 -40.87 0.71
N LYS A 73 21.59 -41.85 0.04
CA LYS A 73 21.47 -41.95 -1.41
C LYS A 73 20.05 -42.29 -1.82
N GLU A 74 19.35 -43.09 -1.01
CA GLU A 74 17.95 -43.39 -1.29
C GLU A 74 17.09 -42.13 -1.22
N TRP A 75 17.37 -41.25 -0.27
CA TRP A 75 16.57 -40.04 -0.14
C TRP A 75 16.89 -39.04 -1.25
N LYS A 76 18.17 -38.80 -1.49
CA LYS A 76 18.56 -37.92 -2.57
C LYS A 76 17.98 -38.39 -3.90
N SER A 77 17.79 -39.70 -4.07
CA SER A 77 17.32 -40.24 -5.35
C SER A 77 15.89 -39.81 -5.66
N LEU A 78 15.10 -39.43 -4.65
CA LEU A 78 13.73 -39.03 -4.91
C LEU A 78 13.62 -37.79 -5.79
N PHE A 79 14.66 -36.96 -5.82
CA PHE A 79 14.64 -35.68 -6.51
C PHE A 79 15.45 -35.70 -7.80
N ASN A 80 15.97 -36.85 -8.20
CA ASN A 80 16.77 -36.98 -9.40
C ASN A 80 17.15 -38.44 -9.61
N PRO A 89 10.15 -35.68 -9.70
CA PRO A 89 10.00 -34.24 -9.56
C PRO A 89 8.56 -33.77 -9.80
N LYS A 90 8.17 -32.64 -9.22
CA LYS A 90 6.84 -32.11 -9.49
C LYS A 90 5.84 -32.61 -8.45
N GLN A 91 5.71 -33.92 -8.23
CA GLN A 91 5.04 -34.32 -7.00
C GLN A 91 5.70 -35.54 -6.36
N PRO A 92 5.35 -35.81 -5.11
CA PRO A 92 6.00 -36.88 -4.35
C PRO A 92 5.86 -38.21 -5.05
N PRO A 93 6.71 -39.18 -4.72
CA PRO A 93 6.65 -40.50 -5.38
C PRO A 93 5.45 -41.31 -4.91
N GLU A 94 5.20 -42.39 -5.64
CA GLU A 94 4.12 -43.31 -5.31
C GLU A 94 4.25 -43.77 -3.87
N GLY A 95 3.14 -43.75 -3.15
CA GLY A 95 3.13 -44.03 -1.74
C GLY A 95 3.07 -42.80 -0.85
N PHE A 96 3.50 -41.64 -1.37
CA PHE A 96 3.58 -40.43 -0.57
C PHE A 96 2.86 -39.26 -1.20
N GLN A 97 2.19 -39.44 -2.34
CA GLN A 97 1.54 -38.32 -3.01
C GLN A 97 0.41 -37.74 -2.17
N SER A 98 -0.14 -38.51 -1.22
CA SER A 98 -1.21 -38.03 -0.36
C SER A 98 -0.77 -37.72 1.06
N ASP A 99 0.51 -37.88 1.37
CA ASP A 99 1.00 -37.59 2.72
C ASP A 99 1.04 -36.08 2.89
N PRO A 100 0.32 -35.50 3.85
CA PRO A 100 0.26 -34.03 3.92
C PRO A 100 1.61 -33.38 4.14
N THR A 101 2.51 -34.03 4.89
CA THR A 101 3.85 -33.48 5.06
C THR A 101 4.67 -33.51 3.77
N TRP A 102 4.59 -34.58 3.01
CA TRP A 102 5.31 -34.61 1.75
C TRP A 102 4.73 -33.60 0.76
N ARG A 103 3.41 -33.44 0.74
CA ARG A 103 2.80 -32.44 -0.13
C ARG A 103 3.28 -31.04 0.24
N LYS A 104 3.38 -30.75 1.54
CA LYS A 104 3.82 -29.44 1.98
C LYS A 104 5.30 -29.23 1.68
N GLN A 105 6.14 -30.24 1.93
CA GLN A 105 7.56 -30.05 1.82
C GLN A 105 8.09 -30.22 0.40
N TRP A 106 7.36 -30.90 -0.48
CA TRP A 106 7.89 -31.21 -1.81
C TRP A 106 8.50 -29.99 -2.51
N PRO A 107 7.81 -28.85 -2.65
CA PRO A 107 8.46 -27.72 -3.34
C PRO A 107 9.72 -27.21 -2.64
N ILE A 108 9.75 -27.26 -1.31
CA ILE A 108 10.92 -26.85 -0.53
C ILE A 108 12.09 -27.78 -0.81
N TRP A 109 11.85 -29.08 -0.75
CA TRP A 109 12.90 -30.05 -1.02
C TRP A 109 13.39 -29.94 -2.45
N VAL A 110 12.47 -29.77 -3.40
CA VAL A 110 12.84 -29.67 -4.81
C VAL A 110 13.72 -28.45 -5.05
N THR A 111 13.34 -27.32 -4.46
CA THR A 111 14.16 -26.12 -4.59
C THR A 111 15.55 -26.38 -4.01
N ALA A 112 15.61 -27.02 -2.85
CA ALA A 112 16.90 -27.32 -2.24
C ALA A 112 17.74 -28.24 -3.13
N ALA A 113 17.14 -29.27 -3.70
CA ALA A 113 17.87 -30.17 -4.58
C ALA A 113 18.37 -29.43 -5.83
N ALA A 114 17.54 -28.55 -6.38
CA ALA A 114 17.94 -27.80 -7.56
C ALA A 114 19.11 -26.87 -7.24
N ALA A 115 19.05 -26.19 -6.10
CA ALA A 115 20.15 -25.30 -5.72
C ALA A 115 21.44 -26.08 -5.53
N LEU A 116 21.37 -27.30 -5.00
CA LEU A 116 22.58 -28.09 -4.76
C LEU A 116 23.21 -28.64 -6.02
N LYS A 117 22.53 -28.63 -7.15
CA LYS A 117 23.14 -29.05 -8.41
C LYS A 117 24.16 -28.05 -8.93
N ALA A 118 24.16 -26.83 -8.39
CA ALA A 118 25.00 -25.78 -8.93
C ALA A 118 26.46 -26.03 -8.58
N GLU A 119 27.34 -25.73 -9.54
CA GLU A 119 28.76 -25.97 -9.38
C GLU A 119 29.25 -25.45 -8.03
N ASN A 120 29.88 -26.36 -7.28
CA ASN A 120 30.53 -26.09 -6.01
C ASN A 120 29.57 -25.71 -4.87
N LYS A 121 28.26 -25.73 -5.10
CA LYS A 121 27.33 -25.29 -4.06
C LYS A 121 27.37 -26.23 -2.86
N GLU A 122 27.30 -27.54 -3.11
CA GLU A 122 27.27 -28.50 -2.02
C GLU A 122 28.56 -28.44 -1.22
N ALA A 123 29.70 -28.27 -1.90
CA ALA A 123 30.97 -28.17 -1.18
C ALA A 123 30.97 -26.96 -0.26
N ALA A 124 30.40 -25.84 -0.72
CA ALA A 124 30.35 -24.64 0.11
C ALA A 124 29.42 -24.83 1.30
N VAL A 125 28.28 -25.49 1.08
CA VAL A 125 27.35 -25.79 2.17
C VAL A 125 28.03 -26.62 3.24
N LEU A 126 28.72 -27.69 2.83
CA LEU A 126 29.38 -28.57 3.79
C LEU A 126 30.53 -27.85 4.50
N ALA A 127 31.28 -27.02 3.77
CA ALA A 127 32.38 -26.30 4.41
C ALA A 127 31.86 -25.36 5.48
N ARG A 128 30.79 -24.61 5.19
CA ARG A 128 30.24 -23.68 6.18
C ARG A 128 29.80 -24.41 7.44
N ALA A 129 29.37 -25.66 7.30
CA ALA A 129 28.91 -26.46 8.43
C ALA A 129 30.03 -27.25 9.08
N GLY A 130 31.27 -27.12 8.61
CA GLY A 130 32.36 -27.88 9.18
C GLY A 130 32.30 -29.36 8.89
N LEU A 131 31.67 -29.75 7.79
CA LEU A 131 31.45 -31.15 7.46
C LEU A 131 32.15 -31.56 6.17
N THR A 132 33.12 -30.77 5.72
CA THR A 132 33.92 -31.19 4.56
C THR A 132 34.67 -32.46 4.90
N ASN A 133 34.56 -33.47 4.03
CA ASN A 133 35.25 -34.75 4.22
C ASN A 133 34.84 -35.43 5.53
N ALA A 134 33.62 -35.16 6.00
CA ALA A 134 33.18 -35.74 7.26
C ALA A 134 32.96 -37.25 7.10
N PRO A 135 33.35 -38.04 8.10
CA PRO A 135 33.00 -39.47 8.08
C PRO A 135 31.49 -39.65 7.99
N GLU A 136 31.09 -40.83 7.50
CA GLU A 136 29.66 -41.12 7.33
C GLU A 136 28.91 -41.07 8.65
N GLU A 137 29.51 -41.56 9.73
CA GLU A 137 28.81 -41.57 11.01
C GLU A 137 28.59 -40.15 11.51
N LEU A 138 29.53 -39.26 11.24
CA LEU A 138 29.35 -37.86 11.62
C LEU A 138 28.29 -37.20 10.75
N ARG A 139 28.30 -37.45 9.44
CA ARG A 139 27.26 -36.90 8.57
C ARG A 139 25.87 -37.31 9.06
N ASN A 140 25.69 -38.57 9.43
CA ASN A 140 24.40 -39.05 9.91
C ASN A 140 24.03 -38.38 11.23
N ARG A 141 24.96 -38.38 12.19
CA ARG A 141 24.65 -37.78 13.49
C ARG A 141 24.33 -36.31 13.33
N ALA A 142 25.04 -35.63 12.42
CA ALA A 142 24.77 -34.20 12.19
C ALA A 142 23.37 -34.00 11.62
N ARG A 143 22.99 -34.83 10.64
N ARG A 143 22.99 -34.82 10.63
CA ARG A 143 21.65 -34.72 10.07
CA ARG A 143 21.63 -34.70 10.10
C ARG A 143 20.58 -34.92 11.15
C ARG A 143 20.59 -34.88 11.20
N LEU A 144 20.77 -35.90 12.03
CA LEU A 144 19.81 -36.13 13.10
C LEU A 144 19.78 -34.96 14.08
N ALA A 145 20.95 -34.35 14.35
CA ALA A 145 21.00 -33.20 15.25
C ALA A 145 20.22 -32.01 14.70
N LEU A 146 20.04 -31.94 13.38
CA LEU A 146 19.25 -30.87 12.79
C LEU A 146 17.75 -31.06 12.94
N ILE A 147 17.28 -32.23 13.36
CA ILE A 147 15.84 -32.48 13.41
C ILE A 147 15.13 -31.44 14.27
N PRO A 148 15.48 -31.26 15.53
CA PRO A 148 14.73 -30.28 16.35
C PRO A 148 14.96 -28.86 15.88
N LEU A 149 16.15 -28.56 15.38
CA LEU A 149 16.45 -27.24 14.86
C LEU A 149 15.56 -26.90 13.69
N LEU A 150 15.41 -27.82 12.74
CA LEU A 150 14.57 -27.58 11.59
C LEU A 150 13.11 -27.50 11.97
N ALA A 151 12.68 -28.29 12.97
CA ALA A 151 11.30 -28.23 13.42
C ALA A 151 10.99 -26.87 14.02
N GLN A 152 11.92 -26.31 14.79
CA GLN A 152 11.72 -24.97 15.33
C GLN A 152 11.70 -23.94 14.21
N ALA A 153 12.62 -24.07 13.25
CA ALA A 153 12.74 -23.08 12.20
C ALA A 153 11.57 -23.16 11.22
N GLU A 154 11.01 -24.35 11.02
CA GLU A 154 9.91 -24.49 10.07
C GLU A 154 8.77 -23.54 10.41
N GLN A 155 8.39 -23.47 11.69
CA GLN A 155 7.28 -22.63 12.12
C GLN A 155 7.57 -21.17 11.83
N ILE A 156 8.79 -20.74 12.12
CA ILE A 156 9.20 -19.36 11.87
C ILE A 156 9.21 -19.06 10.38
N ARG A 157 9.77 -19.96 9.58
CA ARG A 157 9.85 -19.73 8.15
C ARG A 157 8.45 -19.71 7.52
N ASP A 158 7.55 -20.59 7.98
CA ASP A 158 6.22 -20.58 7.40
C ASP A 158 5.48 -19.27 7.73
N ARG A 159 5.68 -18.71 8.93
CA ARG A 159 5.08 -17.42 9.23
C ARG A 159 5.66 -16.33 8.34
N LEU A 160 6.97 -16.36 8.09
CA LEU A 160 7.58 -15.35 7.24
C LEU A 160 7.06 -15.48 5.81
N SER A 161 6.90 -16.71 5.32
CA SER A 161 6.33 -16.90 3.98
C SER A 161 4.90 -16.40 3.91
N GLU A 162 4.10 -16.65 4.95
CA GLU A 162 2.73 -16.14 5.00
C GLU A 162 2.69 -14.62 4.91
N ILE A 163 3.53 -13.95 5.70
CA ILE A 163 3.65 -12.49 5.69
C ILE A 163 3.99 -12.01 4.29
N GLN A 164 4.98 -12.66 3.67
CA GLN A 164 5.37 -12.27 2.32
C GLN A 164 4.16 -12.31 1.39
N LYS A 165 3.43 -13.42 1.39
CA LYS A 165 2.28 -13.54 0.49
C LYS A 165 1.19 -12.52 0.84
N GLN A 166 0.92 -12.33 2.13
CA GLN A 166 -0.19 -11.49 2.53
C GLN A 166 0.04 -10.01 2.21
N ASN A 167 1.30 -9.61 2.05
CA ASN A 167 1.65 -8.22 1.78
C ASN A 167 2.18 -8.00 0.37
N GLU A 168 2.11 -9.02 -0.49
CA GLU A 168 2.70 -8.91 -1.81
C GLU A 168 2.02 -7.86 -2.70
N ASP A 169 0.81 -7.44 -2.37
CA ASP A 169 0.13 -6.43 -3.18
C ASP A 169 0.32 -5.02 -2.63
N THR A 170 1.09 -4.86 -1.56
CA THR A 170 1.40 -3.56 -0.97
C THR A 170 2.74 -3.12 -1.55
N THR A 171 2.70 -2.42 -2.68
CA THR A 171 3.88 -2.02 -3.42
C THR A 171 3.80 -0.54 -3.73
N PRO A 172 4.93 0.11 -4.00
CA PRO A 172 4.86 1.53 -4.42
C PRO A 172 3.98 1.75 -5.64
N THR A 173 3.95 0.80 -6.57
CA THR A 173 3.20 0.98 -7.79
C THR A 173 1.71 0.88 -7.53
N ALA A 174 1.29 -0.13 -6.77
CA ALA A 174 -0.14 -0.27 -6.46
C ALA A 174 -0.63 0.90 -5.63
N ILE A 175 0.21 1.39 -4.71
CA ILE A 175 -0.18 2.56 -3.91
C ILE A 175 -0.31 3.79 -4.80
N ALA A 176 0.68 4.01 -5.67
CA ALA A 176 0.62 5.18 -6.56
C ALA A 176 -0.65 5.15 -7.40
N LYS A 177 -1.01 3.99 -7.95
CA LYS A 177 -2.20 3.89 -8.78
C LYS A 177 -3.46 4.21 -7.98
N ALA A 178 -3.55 3.64 -6.77
CA ALA A 178 -4.74 3.88 -5.96
C ALA A 178 -4.85 5.35 -5.59
N LEU A 179 -3.73 5.99 -5.27
CA LEU A 179 -3.75 7.41 -4.90
C LEU A 179 -4.04 8.30 -6.09
N ASN A 180 -3.59 7.91 -7.28
CA ASN A 180 -3.94 8.64 -8.50
C ASN A 180 -5.41 8.47 -8.85
N LYS A 181 -5.99 7.30 -8.55
CA LYS A 181 -7.44 7.17 -8.64
C LYS A 181 -8.13 8.13 -7.68
N ALA A 182 -7.61 8.22 -6.46
CA ALA A 182 -8.21 9.12 -5.46
C ALA A 182 -8.13 10.57 -5.91
N VAL A 183 -6.96 11.01 -6.38
CA VAL A 183 -6.78 12.42 -6.65
C VAL A 183 -7.36 12.82 -8.00
N TYR A 184 -7.06 12.03 -9.05
CA TYR A 184 -7.38 12.40 -10.41
C TYR A 184 -8.30 11.43 -11.14
N GLY A 185 -8.75 10.35 -10.48
CA GLY A 185 -9.60 9.40 -11.13
C GLY A 185 -8.94 8.61 -12.23
N GLN A 186 -7.61 8.52 -12.20
CA GLN A 186 -6.82 7.87 -13.24
C GLN A 186 -6.01 6.75 -12.64
N ASP A 187 -6.29 5.53 -13.10
CA ASP A 187 -5.66 4.30 -12.59
C ASP A 187 -4.34 4.10 -13.31
N LYS A 188 -3.36 4.91 -12.92
CA LYS A 188 -2.03 4.78 -13.48
C LYS A 188 -1.02 5.24 -12.45
N GLU A 189 0.20 4.76 -12.63
CA GLU A 189 1.20 4.93 -11.61
C GLU A 189 1.82 6.32 -11.66
N THR A 190 1.89 6.91 -12.86
CA THR A 190 2.53 8.20 -13.05
C THR A 190 1.84 8.90 -14.22
N GLY A 191 2.09 10.19 -14.35
CA GLY A 191 1.52 10.95 -15.43
C GLY A 191 0.05 11.29 -15.25
N ALA A 192 -0.49 11.14 -14.05
CA ALA A 192 -1.86 11.53 -13.81
C ALA A 192 -1.97 13.05 -13.79
N VAL A 193 -2.98 13.57 -14.47
CA VAL A 193 -3.19 15.00 -14.60
C VAL A 193 -4.69 15.27 -14.55
N TYR A 194 -5.04 16.54 -14.35
CA TYR A 194 -6.44 16.92 -14.28
C TYR A 194 -7.13 16.67 -15.63
N ASN A 195 -8.29 16.01 -15.58
CA ASN A 195 -9.13 15.76 -16.76
C ASN A 195 -10.53 15.58 -16.21
N SER A 196 -11.44 16.50 -16.54
CA SER A 196 -12.79 16.41 -15.95
C SER A 196 -13.48 15.09 -16.24
N ALA A 197 -13.15 14.45 -17.36
CA ALA A 197 -13.77 13.17 -17.70
C ALA A 197 -13.46 12.10 -16.65
N ASP A 198 -12.32 12.23 -15.96
CA ASP A 198 -11.89 11.32 -14.91
C ASP A 198 -12.10 11.86 -13.52
N CYS A 199 -11.97 13.17 -13.33
CA CYS A 199 -12.03 13.75 -12.00
C CYS A 199 -13.47 13.82 -11.51
N PHE A 200 -14.42 14.02 -12.42
CA PHE A 200 -15.84 13.92 -12.12
C PHE A 200 -16.36 12.60 -12.70
N SER A 201 -17.16 11.89 -11.92
CA SER A 201 -17.60 10.58 -12.36
C SER A 201 -18.56 10.76 -13.54
N GLY A 202 -18.15 10.29 -14.72
CA GLY A 202 -18.92 10.53 -15.92
C GLY A 202 -18.77 11.93 -16.51
N ASN A 203 -17.73 12.66 -16.14
CA ASN A 203 -17.51 14.04 -16.55
C ASN A 203 -18.47 14.96 -15.80
N VAL A 204 -18.36 16.27 -16.03
CA VAL A 204 -19.18 17.22 -15.27
C VAL A 204 -20.64 17.05 -15.67
N ALA A 205 -21.52 17.44 -14.75
CA ALA A 205 -22.95 17.36 -14.92
C ALA A 205 -23.48 18.57 -15.70
N ASP A 206 -24.81 18.61 -15.88
CA ASP A 206 -25.44 19.74 -16.55
C ASP A 206 -25.20 21.06 -15.84
N SER A 207 -25.07 21.04 -14.52
CA SER A 207 -24.86 22.28 -13.79
C SER A 207 -23.80 22.07 -12.71
N THR A 208 -23.19 23.18 -12.28
CA THR A 208 -22.21 23.08 -11.21
C THR A 208 -22.83 22.46 -9.97
N GLN A 209 -24.04 22.88 -9.62
CA GLN A 209 -24.72 22.34 -8.44
C GLN A 209 -24.78 20.82 -8.49
N ASN A 210 -25.04 20.25 -9.66
CA ASN A 210 -25.14 18.80 -9.76
C ASN A 210 -23.76 18.15 -9.86
N SER A 211 -22.77 18.86 -10.39
CA SER A 211 -21.43 18.32 -10.43
C SER A 211 -20.81 18.24 -9.06
N CYS A 212 -21.16 19.17 -8.18
CA CYS A 212 -20.50 19.33 -6.88
C CYS A 212 -21.28 18.62 -5.78
N LYS A 213 -21.66 17.39 -6.10
CA LYS A 213 -22.33 16.51 -5.16
C LYS A 213 -21.56 15.19 -5.10
N ALA A 214 -21.55 14.59 -3.92
CA ALA A 214 -20.94 13.29 -3.72
C ALA A 214 -21.70 12.53 -2.65
N GLY A 215 -21.57 11.21 -2.69
CA GLY A 215 -22.26 10.36 -1.75
C GLY A 215 -23.31 9.50 -2.44
N ALA A 218 -26.60 10.01 -7.93
CA ALA A 218 -25.91 10.70 -9.02
C ALA A 218 -24.65 11.37 -8.48
N SER A 219 -23.76 10.58 -7.88
CA SER A 219 -22.55 11.11 -7.28
C SER A 219 -21.53 11.48 -8.35
N LYS A 220 -20.97 12.69 -8.23
CA LYS A 220 -20.11 13.23 -9.29
C LYS A 220 -18.73 13.66 -8.81
N ALA A 221 -18.64 14.36 -7.68
CA ALA A 221 -17.36 14.89 -7.19
C ALA A 221 -16.64 13.82 -6.39
N THR A 222 -16.07 12.85 -7.11
CA THR A 222 -15.63 11.59 -6.51
C THR A 222 -14.11 11.51 -6.38
N THR A 223 -13.39 12.60 -6.67
CA THR A 223 -11.94 12.66 -6.57
C THR A 223 -11.54 13.89 -5.76
N VAL A 224 -10.30 13.90 -5.28
CA VAL A 224 -9.79 15.09 -4.60
C VAL A 224 -9.79 16.29 -5.54
N ALA A 225 -9.40 16.06 -6.80
CA ALA A 225 -9.34 17.17 -7.76
C ALA A 225 -10.72 17.76 -8.01
N ALA A 226 -11.75 16.91 -8.13
CA ALA A 226 -13.11 17.45 -8.29
C ALA A 226 -13.50 18.25 -7.06
N THR A 227 -13.10 17.77 -5.87
CA THR A 227 -13.38 18.48 -4.64
C THR A 227 -12.74 19.86 -4.65
N ILE A 228 -11.49 19.95 -5.10
CA ILE A 228 -10.80 21.23 -5.21
C ILE A 228 -11.50 22.14 -6.21
N VAL A 229 -11.90 21.61 -7.36
CA VAL A 229 -12.65 22.42 -8.32
C VAL A 229 -13.89 23.00 -7.65
N CYS A 230 -14.65 22.15 -6.97
CA CYS A 230 -15.91 22.60 -6.38
C CYS A 230 -15.68 23.62 -5.29
N VAL A 231 -14.61 23.45 -4.50
CA VAL A 231 -14.37 24.32 -3.34
C VAL A 231 -13.63 25.59 -3.73
N CYS A 232 -13.02 25.64 -4.93
CA CYS A 232 -12.08 26.71 -5.24
C CYS A 232 -12.31 27.43 -6.57
N HIS A 233 -13.14 26.90 -7.46
CA HIS A 233 -13.16 27.42 -8.82
C HIS A 233 -13.73 28.83 -8.91
N LYS A 234 -13.28 29.56 -9.92
CA LYS A 234 -13.84 30.83 -10.32
C LYS A 234 -14.80 30.56 -11.48
N LYS A 235 -16.09 30.72 -11.25
CA LYS A 235 -17.01 30.53 -12.37
C LYS A 235 -16.96 31.73 -13.32
N ASN A 236 -17.35 31.50 -14.56
N ASN A 236 -17.36 31.48 -14.56
CA ASN A 236 -17.52 32.63 -15.45
CA ASN A 236 -17.56 32.54 -15.55
C ASN A 236 -18.82 33.35 -15.11
C ASN A 236 -18.91 33.22 -15.32
N GLY A 237 -19.03 34.46 -15.81
CA GLY A 237 -20.29 35.15 -15.78
C GLY A 237 -20.49 36.12 -14.65
N GLY A 238 -19.47 36.36 -13.84
CA GLY A 238 -19.61 37.27 -12.73
C GLY A 238 -20.23 36.56 -11.55
N ASN A 239 -20.36 37.30 -10.46
CA ASN A 239 -20.90 36.77 -9.23
C ASN A 239 -20.09 35.59 -8.70
N ASP A 240 -18.82 35.51 -9.10
CA ASP A 240 -17.97 34.40 -8.74
C ASP A 240 -17.33 34.62 -7.37
N ALA A 241 -16.65 33.59 -6.88
CA ALA A 241 -15.93 33.64 -5.62
C ALA A 241 -14.45 33.37 -5.85
N ALA A 242 -13.88 34.03 -6.86
CA ALA A 242 -12.45 33.89 -7.14
C ALA A 242 -11.64 34.10 -5.88
N ASN A 243 -10.59 33.30 -5.74
CA ASN A 243 -9.62 33.40 -4.65
C ASN A 243 -10.18 32.96 -3.32
N ALA A 244 -11.33 32.28 -3.32
CA ALA A 244 -11.83 31.69 -2.09
C ALA A 244 -10.79 30.80 -1.43
N CYS A 245 -10.02 30.07 -2.23
CA CYS A 245 -9.03 29.15 -1.68
C CYS A 245 -7.69 29.80 -1.39
N GLY A 246 -7.55 31.08 -1.68
CA GLY A 246 -6.33 31.78 -1.38
C GLY A 246 -6.09 32.94 -2.30
N ARG A 247 -5.72 34.08 -1.73
CA ARG A 247 -5.47 35.27 -2.53
C ARG A 247 -4.25 35.13 -3.43
N LEU A 248 -3.38 34.17 -3.19
CA LEU A 248 -2.19 34.05 -4.03
C LEU A 248 -2.45 33.27 -5.32
N ILE A 249 -3.62 32.64 -5.46
CA ILE A 249 -4.00 31.99 -6.71
C ILE A 249 -4.12 33.05 -7.78
N ASN A 250 -3.54 32.80 -8.95
CA ASN A 250 -3.67 33.71 -10.08
C ASN A 250 -4.69 33.06 -11.01
N HIS A 251 -5.98 33.39 -10.82
CA HIS A 251 -7.02 32.87 -11.70
C HIS A 251 -6.88 33.64 -13.01
N GLN A 252 -6.17 33.06 -13.98
CA GLN A 252 -5.92 33.76 -15.24
C GLN A 252 -7.09 33.62 -16.21
N SER A 253 -8.00 32.68 -15.93
CA SER A 253 -9.15 32.35 -16.74
C SER A 253 -10.31 32.09 -15.78
N ASP A 254 -11.14 31.11 -16.07
CA ASP A 254 -12.19 30.73 -15.14
C ASP A 254 -12.53 29.30 -15.49
N ALA A 255 -13.50 28.75 -14.79
CA ALA A 255 -13.91 27.37 -15.03
C ALA A 255 -14.99 27.27 -16.08
N GLY A 256 -15.32 28.37 -16.76
CA GLY A 256 -16.40 28.36 -17.71
C GLY A 256 -17.75 28.46 -17.01
N ALA A 257 -18.80 28.17 -17.76
CA ALA A 257 -20.13 28.05 -17.20
C ALA A 257 -20.36 26.58 -16.85
N ASN A 258 -20.84 26.34 -15.63
CA ASN A 258 -21.08 24.97 -15.18
C ASN A 258 -19.86 24.07 -15.35
N LEU A 259 -18.69 24.61 -15.00
CA LEU A 259 -17.44 23.85 -15.00
C LEU A 259 -17.07 23.33 -16.38
N ALA A 260 -17.61 23.91 -17.45
CA ALA A 260 -17.34 23.41 -18.78
C ALA A 260 -15.85 23.44 -19.13
N THR A 261 -15.08 24.38 -18.59
CA THR A 261 -13.66 24.44 -18.88
C THR A 261 -12.86 24.52 -17.59
N ALA A 262 -13.17 23.63 -16.65
CA ALA A 262 -12.59 23.70 -15.32
C ALA A 262 -11.08 23.46 -15.33
N SER A 263 -10.57 22.74 -16.33
CA SER A 263 -9.16 22.34 -16.30
C SER A 263 -8.21 23.54 -16.22
N SER A 264 -8.46 24.58 -17.02
CA SER A 264 -7.58 25.75 -17.00
C SER A 264 -7.54 26.39 -15.62
N ASP A 265 -8.69 26.54 -15.00
CA ASP A 265 -8.78 27.14 -13.66
C ASP A 265 -8.17 26.24 -12.59
N PHE A 266 -8.39 24.94 -12.68
CA PHE A 266 -7.74 24.02 -11.74
C PHE A 266 -6.23 24.15 -11.80
N GLY A 267 -5.67 24.30 -13.00
CA GLY A 267 -4.22 24.47 -13.11
C GLY A 267 -3.70 25.65 -12.32
N ASP A 268 -4.44 26.76 -12.35
CA ASP A 268 -4.02 27.95 -11.59
C ASP A 268 -4.14 27.70 -10.08
N ILE A 269 -5.21 27.03 -9.65
CA ILE A 269 -5.40 26.75 -8.24
C ILE A 269 -4.29 25.83 -7.73
N ILE A 270 -4.07 24.72 -8.43
CA ILE A 270 -3.13 23.71 -7.93
C ILE A 270 -1.69 24.19 -8.02
N ALA A 271 -1.40 25.17 -8.88
CA ALA A 271 -0.07 25.76 -8.93
C ALA A 271 0.36 26.36 -7.61
N THR A 272 -0.58 26.67 -6.72
CA THR A 272 -0.23 27.28 -5.44
C THR A 272 0.10 26.25 -4.37
N CYS A 273 -0.05 24.96 -4.67
CA CYS A 273 0.03 23.89 -3.67
C CYS A 273 1.41 23.25 -3.73
N ALA A 274 2.10 23.25 -2.59
CA ALA A 274 3.47 22.76 -2.46
C ALA A 274 3.56 21.56 -1.55
N ALA A 275 2.43 20.98 -1.16
CA ALA A 275 2.42 19.99 -0.09
C ALA A 275 3.26 18.78 -0.47
N ARG A 276 3.87 18.17 0.56
CA ARG A 276 4.63 16.96 0.38
C ARG A 276 4.26 16.07 1.58
N PRO A 277 3.84 14.83 1.36
CA PRO A 277 3.58 13.93 2.49
C PRO A 277 4.89 13.44 3.07
N PRO A 278 4.89 12.99 4.32
CA PRO A 278 6.10 12.35 4.86
C PRO A 278 6.45 11.09 4.08
N LYS A 279 7.74 10.77 4.04
CA LYS A 279 8.24 9.61 3.31
C LYS A 279 9.08 8.77 4.27
N PRO A 280 8.89 7.44 4.32
CA PRO A 280 7.84 6.71 3.59
C PRO A 280 6.43 7.09 4.04
N LEU A 281 5.48 6.98 3.13
CA LEU A 281 4.10 7.23 3.45
C LEU A 281 3.63 6.23 4.51
N THR A 282 2.91 6.73 5.51
CA THR A 282 2.43 5.91 6.61
C THR A 282 0.91 5.89 6.66
N ALA A 283 0.37 4.80 7.22
CA ALA A 283 -1.06 4.72 7.47
C ALA A 283 -1.51 5.85 8.40
N ALA A 284 -0.70 6.14 9.43
CA ALA A 284 -1.09 7.16 10.39
C ALA A 284 -1.28 8.51 9.72
N TYR A 285 -0.39 8.86 8.78
CA TYR A 285 -0.54 10.14 8.08
C TYR A 285 -1.82 10.15 7.25
N LEU A 286 -2.07 9.08 6.49
CA LEU A 286 -3.30 9.05 5.70
C LEU A 286 -4.53 9.12 6.59
N ASP A 287 -4.54 8.35 7.69
CA ASP A 287 -5.70 8.35 8.57
C ASP A 287 -5.92 9.74 9.15
N SER A 288 -4.84 10.45 9.46
CA SER A 288 -4.96 11.79 10.03
C SER A 288 -5.56 12.74 9.00
N ALA A 289 -5.21 12.58 7.72
CA ALA A 289 -5.77 13.43 6.68
C ALA A 289 -7.26 13.20 6.51
N LEU A 290 -7.69 11.93 6.47
CA LEU A 290 -9.11 11.65 6.35
C LEU A 290 -9.88 12.10 7.59
N ALA A 291 -9.30 11.90 8.78
CA ALA A 291 -9.96 12.38 10.00
C ALA A 291 -10.11 13.89 9.97
N ALA A 292 -9.09 14.59 9.44
CA ALA A 292 -9.17 16.05 9.41
C ALA A 292 -10.32 16.50 8.52
N VAL A 293 -10.46 15.89 7.34
CA VAL A 293 -11.58 16.22 6.47
C VAL A 293 -12.90 15.93 7.18
N SER A 294 -13.01 14.76 7.80
CA SER A 294 -14.25 14.39 8.46
C SER A 294 -14.61 15.40 9.53
N ALA A 295 -13.61 16.01 10.16
CA ALA A 295 -13.85 16.99 11.22
C ALA A 295 -14.23 18.35 10.68
N ARG A 296 -14.12 18.57 9.37
CA ARG A 296 -14.44 19.86 8.75
C ARG A 296 -15.78 19.85 8.02
N ILE A 297 -16.30 18.68 7.64
CA ILE A 297 -17.59 18.61 6.99
C ILE A 297 -18.66 19.06 7.97
N ARG A 298 -19.56 19.93 7.51
CA ARG A 298 -20.61 20.48 8.36
C ARG A 298 -21.96 20.08 7.83
N PHE A 299 -22.84 19.64 8.73
CA PHE A 299 -24.19 19.21 8.39
C PHE A 299 -25.16 20.36 8.50
N LYS A 300 -25.95 20.56 7.45
CA LYS A 300 -27.07 21.49 7.47
C LYS A 300 -28.16 20.95 6.56
N ASN A 301 -29.40 20.99 7.07
CA ASN A 301 -30.62 20.66 6.34
C ASN A 301 -30.49 19.36 5.54
N GLY A 302 -29.97 18.34 6.21
CA GLY A 302 -29.99 16.99 5.70
C GLY A 302 -28.81 16.61 4.86
N ASN A 303 -27.89 17.54 4.58
CA ASN A 303 -26.70 17.25 3.80
C ASN A 303 -25.45 17.60 4.61
N GLY A 304 -24.31 17.17 4.09
CA GLY A 304 -23.03 17.65 4.57
C GLY A 304 -22.39 18.55 3.55
N TYR A 305 -21.50 19.43 3.99
CA TYR A 305 -20.83 20.39 3.13
C TYR A 305 -19.36 20.50 3.49
N LEU A 306 -18.52 20.53 2.47
CA LEU A 306 -17.13 20.95 2.60
C LEU A 306 -16.95 22.19 1.73
N GLY A 307 -16.44 23.25 2.33
CA GLY A 307 -16.42 24.54 1.66
C GLY A 307 -17.59 25.38 2.08
N LYS A 308 -17.43 26.70 1.98
CA LYS A 308 -18.45 27.62 2.49
C LYS A 308 -19.74 27.51 1.70
N PHE A 309 -20.84 27.31 2.43
CA PHE A 309 -22.18 27.22 1.85
C PHE A 309 -23.06 28.28 2.50
N LYS A 310 -23.75 29.05 1.66
CA LYS A 310 -24.70 30.06 2.13
C LYS A 310 -26.15 29.65 1.85
N ALA A 311 -26.46 29.33 0.59
CA ALA A 311 -27.85 29.11 0.21
C ALA A 311 -27.91 28.45 -1.16
N THR A 312 -28.99 27.68 -1.37
CA THR A 312 -29.39 27.10 -2.64
C THR A 312 -28.61 25.87 -3.07
N GLY A 313 -27.28 25.96 -3.12
CA GLY A 313 -26.48 24.85 -3.60
C GLY A 313 -25.04 25.30 -3.79
N CYS A 314 -24.20 24.31 -4.11
CA CYS A 314 -22.78 24.57 -4.34
C CYS A 314 -22.62 24.90 -5.82
N THR A 315 -23.01 26.13 -6.17
CA THR A 315 -23.14 26.54 -7.57
C THR A 315 -21.94 27.31 -8.08
N GLY A 316 -21.01 27.67 -7.20
CA GLY A 316 -19.91 28.53 -7.55
C GLY A 316 -20.19 30.00 -7.44
N ALA A 317 -21.45 30.39 -7.24
CA ALA A 317 -21.77 31.79 -7.04
C ALA A 317 -21.50 32.19 -5.59
N ALA A 318 -20.92 33.38 -5.41
CA ALA A 318 -20.49 33.82 -4.08
C ALA A 318 -21.64 33.90 -3.10
N ALA A 319 -22.85 34.19 -3.57
CA ALA A 319 -24.01 34.30 -2.70
C ALA A 319 -24.72 32.98 -2.46
N GLU A 320 -24.17 31.88 -2.99
CA GLU A 320 -24.79 30.56 -2.86
C GLU A 320 -23.86 29.57 -2.19
N GLY A 321 -22.73 29.24 -2.82
CA GLY A 321 -21.78 28.37 -2.18
C GLY A 321 -20.66 27.99 -3.11
N LEU A 322 -19.49 27.72 -2.53
CA LEU A 322 -18.33 27.18 -3.22
C LEU A 322 -17.93 25.99 -2.35
N CYS A 323 -18.40 24.81 -2.74
CA CYS A 323 -18.51 23.67 -1.85
C CYS A 323 -18.81 22.39 -2.60
N VAL A 324 -18.59 21.28 -1.89
CA VAL A 324 -19.17 20.00 -2.26
C VAL A 324 -20.33 19.75 -1.32
N GLU A 325 -21.47 19.39 -1.88
CA GLU A 325 -22.64 18.95 -1.13
C GLU A 325 -22.58 17.43 -1.03
N TYR A 326 -22.38 16.91 0.18
CA TYR A 326 -22.49 15.47 0.47
C TYR A 326 -23.97 15.19 0.69
N THR A 327 -24.67 14.91 -0.42
CA THR A 327 -26.11 14.86 -0.39
C THR A 327 -26.57 13.75 0.54
N ALA A 328 -27.48 14.10 1.45
CA ALA A 328 -28.08 13.18 2.40
C ALA A 328 -27.11 12.69 3.46
N LEU A 329 -25.88 13.19 3.50
CA LEU A 329 -24.95 12.76 4.52
C LEU A 329 -25.36 13.38 5.86
N THR A 330 -25.36 12.56 6.91
CA THR A 330 -25.69 13.01 8.25
C THR A 330 -24.66 12.41 9.20
N ALA A 331 -24.61 12.94 10.43
CA ALA A 331 -23.69 12.38 11.42
C ALA A 331 -23.84 10.87 11.51
N ALA A 332 -25.08 10.37 11.51
CA ALA A 332 -25.32 8.95 11.69
C ALA A 332 -25.02 8.12 10.44
N THR A 333 -25.02 8.71 9.25
CA THR A 333 -24.69 7.99 8.03
C THR A 333 -23.28 8.28 7.55
N MET A 334 -22.43 8.80 8.44
CA MET A 334 -21.07 9.17 8.09
C MET A 334 -20.27 8.03 7.49
N GLN A 335 -20.62 6.79 7.78
CA GLN A 335 -19.91 5.68 7.18
C GLN A 335 -19.94 5.77 5.65
N ASN A 336 -20.96 6.43 5.10
CA ASN A 336 -21.08 6.57 3.65
C ASN A 336 -20.03 7.49 3.07
N PHE A 337 -19.51 8.43 3.86
CA PHE A 337 -18.42 9.27 3.39
C PHE A 337 -17.23 8.41 2.98
N TYR A 338 -16.97 7.34 3.75
CA TYR A 338 -15.84 6.45 3.52
C TYR A 338 -16.05 5.52 2.33
N LYS A 339 -17.25 5.54 1.73
CA LYS A 339 -17.53 4.82 0.49
C LYS A 339 -17.39 5.69 -0.76
N ILE A 340 -17.23 7.01 -0.59
CA ILE A 340 -16.96 7.86 -1.76
C ILE A 340 -15.63 7.42 -2.36
N PRO A 341 -15.53 7.30 -3.68
CA PRO A 341 -14.31 6.68 -4.25
C PRO A 341 -12.99 7.21 -3.72
N TRP A 342 -12.77 8.52 -3.67
CA TRP A 342 -11.44 8.98 -3.25
C TRP A 342 -11.17 8.60 -1.80
N VAL A 343 -12.19 8.70 -0.94
CA VAL A 343 -12.02 8.33 0.46
C VAL A 343 -11.75 6.85 0.58
N LYS A 344 -12.47 6.03 -0.18
CA LYS A 344 -12.27 4.58 -0.15
C LYS A 344 -10.88 4.21 -0.62
N GLU A 345 -10.40 4.84 -1.70
CA GLU A 345 -9.08 4.51 -2.20
C GLU A 345 -8.01 4.84 -1.18
N ILE A 346 -8.10 6.03 -0.57
CA ILE A 346 -7.11 6.39 0.44
C ILE A 346 -7.22 5.46 1.64
N SER A 347 -8.45 5.12 2.05
CA SER A 347 -8.63 4.20 3.16
C SER A 347 -8.01 2.83 2.86
N ASN A 348 -8.19 2.34 1.63
CA ASN A 348 -7.62 1.05 1.26
C ASN A 348 -6.12 1.08 1.34
N VAL A 349 -5.50 2.17 0.89
CA VAL A 349 -4.05 2.31 0.99
C VAL A 349 -3.63 2.31 2.46
N ALA A 350 -4.34 3.08 3.29
CA ALA A 350 -4.00 3.13 4.70
C ALA A 350 -4.13 1.76 5.36
N GLU A 351 -5.19 1.03 5.05
CA GLU A 351 -5.37 -0.30 5.64
C GLU A 351 -4.24 -1.23 5.22
N ALA A 352 -3.83 -1.18 3.95
CA ALA A 352 -2.72 -2.00 3.48
C ALA A 352 -1.44 -1.62 4.20
N LEU A 353 -1.16 -0.32 4.30
CA LEU A 353 0.07 0.12 4.97
C LEU A 353 0.03 -0.25 6.46
N LYS A 354 -1.13 -0.17 7.09
CA LYS A 354 -1.23 -0.53 8.51
C LYS A 354 -0.77 -1.97 8.72
N ARG A 355 -1.18 -2.87 7.84
CA ARG A 355 -0.77 -4.27 7.96
C ARG A 355 0.70 -4.44 7.63
N THR A 356 1.17 -3.83 6.55
CA THR A 356 2.54 -4.04 6.11
C THR A 356 3.54 -3.43 7.09
N GLU A 357 3.18 -2.30 7.72
CA GLU A 357 4.09 -1.73 8.73
C GLU A 357 4.33 -2.73 9.85
N LYS A 358 3.27 -3.37 10.34
CA LYS A 358 3.40 -4.33 11.42
C LYS A 358 4.13 -5.58 10.95
N ASP A 359 3.75 -6.10 9.79
CA ASP A 359 4.36 -7.33 9.30
C ASP A 359 5.82 -7.11 8.92
N ALA A 360 6.18 -5.92 8.43
CA ALA A 360 7.59 -5.63 8.15
C ALA A 360 8.41 -5.69 9.43
N ALA A 361 7.91 -5.07 10.50
CA ALA A 361 8.65 -5.10 11.76
C ALA A 361 8.74 -6.52 12.31
N GLU A 362 7.69 -7.31 12.15
CA GLU A 362 7.75 -8.71 12.52
C GLU A 362 8.81 -9.44 11.72
N SER A 363 8.86 -9.18 10.41
CA SER A 363 9.74 -9.95 9.52
C SER A 363 11.21 -9.73 9.86
N THR A 364 11.58 -8.56 10.38
CA THR A 364 12.97 -8.32 10.73
C THR A 364 13.44 -9.35 11.75
N LEU A 365 12.58 -9.64 12.72
CA LEU A 365 12.94 -10.56 13.78
C LEU A 365 12.85 -12.01 13.30
N LEU A 366 11.82 -12.35 12.53
CA LEU A 366 11.75 -13.70 11.97
C LEU A 366 13.01 -14.00 11.16
N SER A 367 13.49 -13.04 10.37
CA SER A 367 14.67 -13.28 9.54
C SER A 367 15.94 -13.38 10.37
N THR A 368 16.07 -12.54 11.40
CA THR A 368 17.21 -12.66 12.30
C THR A 368 17.21 -14.02 12.99
N TRP A 369 16.04 -14.49 13.41
CA TRP A 369 15.97 -15.80 14.06
C TRP A 369 16.38 -16.90 13.08
N LEU A 370 15.95 -16.81 11.82
CA LEU A 370 16.28 -17.87 10.87
C LEU A 370 17.76 -17.85 10.52
N LYS A 371 18.36 -16.66 10.41
CA LYS A 371 19.80 -16.60 10.21
C LYS A 371 20.54 -17.19 11.40
N ALA A 372 20.03 -16.98 12.62
CA ALA A 372 20.63 -17.59 13.79
C ALA A 372 20.51 -19.11 13.75
N SER A 373 19.37 -19.63 13.28
CA SER A 373 19.20 -21.07 13.15
C SER A 373 20.19 -21.64 12.15
N GLU A 374 20.42 -20.91 11.05
CA GLU A 374 21.44 -21.30 10.09
C GLU A 374 22.81 -21.40 10.75
N ASN A 375 23.18 -20.39 11.54
CA ASN A 375 24.46 -20.43 12.22
C ASN A 375 24.51 -21.59 13.20
N GLN A 376 23.41 -21.87 13.87
CA GLN A 376 23.36 -23.01 14.78
C GLN A 376 23.59 -24.32 14.03
N GLY A 377 22.91 -24.49 12.90
CA GLY A 377 23.08 -25.72 12.13
C GLY A 377 24.51 -25.92 11.68
N ASN A 378 25.23 -24.82 11.43
CA ASN A 378 26.61 -24.89 11.01
C ASN A 378 27.56 -25.21 12.17
N SER A 379 27.06 -25.23 13.40
CA SER A 379 27.86 -25.50 14.58
C SER A 379 27.70 -26.92 15.12
N VAL A 380 26.67 -27.65 14.70
CA VAL A 380 26.42 -28.94 15.34
C VAL A 380 27.59 -29.89 15.13
N ALA A 381 28.27 -29.82 13.98
CA ALA A 381 29.34 -30.77 13.72
C ALA A 381 30.46 -30.63 14.74
N GLN A 382 30.79 -29.40 15.11
CA GLN A 382 31.84 -29.18 16.10
C GLN A 382 31.48 -29.83 17.43
N LYS A 383 30.23 -29.71 17.86
CA LYS A 383 29.82 -30.40 19.08
C LYS A 383 29.98 -31.90 18.91
N LEU A 384 29.50 -32.45 17.78
CA LEU A 384 29.47 -33.89 17.61
C LEU A 384 30.88 -34.46 17.50
N ILE A 385 31.79 -33.74 16.85
CA ILE A 385 33.18 -34.18 16.77
C ILE A 385 33.77 -34.27 18.18
N LYS A 386 33.54 -33.25 19.01
CA LYS A 386 34.17 -33.20 20.31
C LYS A 386 33.52 -34.16 21.29
N VAL A 387 32.21 -34.39 21.17
CA VAL A 387 31.55 -35.40 21.99
C VAL A 387 32.11 -36.78 21.68
N GLY A 388 32.24 -37.10 20.39
CA GLY A 388 32.81 -38.37 20.01
C GLY A 388 34.24 -38.56 20.50
N ASP A 389 34.98 -37.47 20.65
CA ASP A 389 36.38 -37.53 21.05
C ASP A 389 36.56 -37.36 22.56
#